data_7XVZ
#
_entry.id   7XVZ
#
_cell.length_a   51.728
_cell.length_b   88.580
_cell.length_c   101.252
_cell.angle_alpha   90.000
_cell.angle_beta   90.000
_cell.angle_gamma   90.000
#
_symmetry.space_group_name_H-M   'P 21 21 21'
#
loop_
_entity.id
_entity.type
_entity.pdbx_description
1 polymer 'Estrogen receptor beta'
2 polymer 'SRC peptide'
3 non-polymer (2~{R})-3-(2-chloranyl-4-oxidanyl-phenyl)-2-(4-hydroxyphenyl)propanenitrile
4 water water
#
loop_
_entity_poly.entity_id
_entity_poly.type
_entity_poly.pdbx_seq_one_letter_code
_entity_poly.pdbx_strand_id
1 'polypeptide(L)'
;GPLGSDALSPEQLVLTLLEAEPPHVLISRPSAPFTEASMMMSLTKLADKELVHMISWAKKIPGFVELSLFDQVRLLESSW
MEVLMMGLMWRSIDHPGKLIFAPDLVLDRDEGKSVEGILEIFDMLLATTSRFRELKLQHKEYLCVKAMILLNSSMYPLVT
ATQDADSSRKLAHLLNAVTDALVWVIAKSGISSQQQSMRLANLLMLLSHVRHASNKGMEHLLNMKSKNVVPVYDLLLEML
NAHVLDD
;
A,B
2 'polypeptide(L)' SGSHKLVQLLTTT C,D
#
loop_
_chem_comp.id
_chem_comp.type
_chem_comp.name
_chem_comp.formula
I1D non-polymer (2~{R})-3-(2-chloranyl-4-oxidanyl-phenyl)-2-(4-hydroxyphenyl)propanenitrile 'C15 H12 Cl N O2'
#
# COMPACT_ATOMS: atom_id res chain seq x y z
N LEU A 8 17.53 -0.56 -23.45
CA LEU A 8 16.12 -0.35 -23.99
C LEU A 8 15.58 1.02 -23.51
N SER A 9 15.23 1.94 -24.40
CA SER A 9 14.71 3.29 -24.02
C SER A 9 13.35 3.18 -23.31
N PRO A 10 12.92 4.20 -22.53
CA PRO A 10 11.57 4.28 -21.99
C PRO A 10 10.43 4.07 -22.99
N GLU A 11 10.61 4.56 -24.23
CA GLU A 11 9.60 4.44 -25.32
C GLU A 11 9.52 2.98 -25.80
N GLN A 12 10.66 2.34 -26.03
CA GLN A 12 10.75 0.91 -26.41
C GLN A 12 10.05 0.06 -25.35
N LEU A 13 10.30 0.35 -24.06
CA LEU A 13 9.74 -0.40 -22.91
C LEU A 13 8.22 -0.23 -22.90
N VAL A 14 7.74 1.01 -22.97
CA VAL A 14 6.27 1.29 -22.94
C VAL A 14 5.61 0.60 -24.14
N LEU A 15 6.25 0.65 -25.33
CA LEU A 15 5.73 0.00 -26.57
C LEU A 15 5.68 -1.50 -26.33
N THR A 16 6.68 -2.08 -25.66
CA THR A 16 6.67 -3.54 -25.34
C THR A 16 5.49 -3.86 -24.39
N LEU A 17 5.18 -2.98 -23.43
CA LEU A 17 3.98 -3.14 -22.57
C LEU A 17 2.70 -3.07 -23.41
N LEU A 18 2.62 -2.16 -24.39
CA LEU A 18 1.43 -2.01 -25.27
C LEU A 18 1.19 -3.36 -25.97
N GLU A 19 2.28 -3.97 -26.41
CA GLU A 19 2.28 -5.26 -27.15
C GLU A 19 1.85 -6.40 -26.23
N ALA A 20 2.24 -6.30 -24.95
CA ALA A 20 2.06 -7.33 -23.91
C ALA A 20 0.62 -7.32 -23.40
N GLU A 21 -0.23 -6.41 -23.92
CA GLU A 21 -1.56 -6.14 -23.31
C GLU A 21 -2.48 -7.32 -23.59
N PRO A 22 -3.15 -7.92 -22.59
CA PRO A 22 -4.04 -9.04 -22.83
C PRO A 22 -5.23 -8.61 -23.67
N PRO A 23 -5.92 -9.52 -24.39
CA PRO A 23 -7.11 -9.14 -25.15
C PRO A 23 -8.31 -8.94 -24.22
N HIS A 24 -9.38 -8.31 -24.70
CA HIS A 24 -10.68 -8.20 -23.98
C HIS A 24 -11.18 -9.63 -23.73
N VAL A 25 -11.47 -9.99 -22.48
CA VAL A 25 -11.94 -11.34 -22.06
C VAL A 25 -13.46 -11.28 -21.84
N LEU A 26 -14.24 -12.18 -22.46
CA LEU A 26 -15.71 -12.32 -22.23
C LEU A 26 -16.00 -13.61 -21.45
N ILE A 27 -17.05 -13.63 -20.63
CA ILE A 27 -17.36 -14.77 -19.71
C ILE A 27 -18.23 -15.83 -20.45
N SER A 28 -19.15 -15.41 -21.32
CA SER A 28 -20.06 -16.25 -22.15
C SER A 28 -21.16 -16.90 -21.29
N ARG A 29 -21.53 -16.30 -20.15
N GLU A 36 -27.68 -13.37 -7.61
CA GLU A 36 -27.07 -13.71 -6.29
C GLU A 36 -25.79 -14.54 -6.51
N ALA A 37 -25.94 -15.80 -6.94
CA ALA A 37 -24.83 -16.76 -7.18
C ALA A 37 -24.24 -16.57 -8.59
N SER A 38 -25.09 -16.31 -9.58
CA SER A 38 -24.70 -16.04 -11.00
C SER A 38 -23.58 -14.98 -11.04
N MET A 39 -23.74 -13.87 -10.32
CA MET A 39 -22.76 -12.75 -10.30
C MET A 39 -21.41 -13.33 -9.89
N MET A 40 -21.39 -13.96 -8.72
CA MET A 40 -20.19 -14.51 -8.08
C MET A 40 -19.61 -15.67 -8.89
N MET A 41 -20.41 -16.36 -9.70
CA MET A 41 -19.93 -17.43 -10.61
C MET A 41 -19.19 -16.78 -11.79
N SER A 42 -19.74 -15.66 -12.27
CA SER A 42 -19.21 -14.84 -13.38
C SER A 42 -17.82 -14.28 -13.03
N LEU A 43 -17.67 -13.71 -11.84
CA LEU A 43 -16.45 -13.01 -11.38
C LEU A 43 -15.31 -14.02 -11.21
N THR A 44 -15.60 -15.21 -10.68
CA THR A 44 -14.56 -16.21 -10.41
C THR A 44 -14.16 -16.79 -11.75
N LYS A 45 -15.13 -16.95 -12.66
CA LYS A 45 -14.86 -17.49 -14.02
C LYS A 45 -13.99 -16.47 -14.79
N LEU A 46 -14.35 -15.18 -14.77
CA LEU A 46 -13.58 -14.04 -15.36
C LEU A 46 -12.17 -14.05 -14.79
N ALA A 47 -12.05 -14.09 -13.46
CA ALA A 47 -10.76 -13.97 -12.75
C ALA A 47 -9.85 -15.09 -13.25
N ASP A 48 -10.41 -16.32 -13.37
CA ASP A 48 -9.66 -17.53 -13.77
C ASP A 48 -9.21 -17.33 -15.21
N LYS A 49 -10.10 -16.95 -16.12
CA LYS A 49 -9.68 -16.67 -17.54
C LYS A 49 -8.61 -15.57 -17.56
N GLU A 50 -8.79 -14.48 -16.82
CA GLU A 50 -7.85 -13.33 -16.82
C GLU A 50 -6.49 -13.76 -16.28
N LEU A 51 -6.45 -14.69 -15.34
CA LEU A 51 -5.17 -15.08 -14.71
C LEU A 51 -4.26 -15.75 -15.75
N VAL A 52 -4.84 -16.47 -16.69
CA VAL A 52 -4.11 -17.12 -17.82
C VAL A 52 -3.45 -16.05 -18.69
N HIS A 53 -4.20 -15.03 -19.12
CA HIS A 53 -3.69 -13.90 -19.95
C HIS A 53 -2.61 -13.13 -19.19
N MET A 54 -2.75 -13.02 -17.86
CA MET A 54 -1.83 -12.26 -16.99
C MET A 54 -0.44 -12.90 -16.95
N ILE A 55 -0.34 -14.21 -17.14
CA ILE A 55 0.98 -14.88 -17.06
C ILE A 55 1.71 -14.68 -18.39
N SER A 56 1.00 -14.72 -19.52
CA SER A 56 1.55 -14.30 -20.84
C SER A 56 2.03 -12.85 -20.76
N TRP A 57 1.19 -11.94 -20.25
CA TRP A 57 1.53 -10.50 -20.10
C TRP A 57 2.83 -10.31 -19.29
N ALA A 58 2.94 -10.96 -18.12
CA ALA A 58 4.10 -10.90 -17.21
C ALA A 58 5.37 -11.34 -17.95
N LYS A 59 5.28 -12.45 -18.68
CA LYS A 59 6.42 -13.04 -19.45
C LYS A 59 6.88 -12.15 -20.59
N LYS A 60 6.01 -11.28 -21.10
CA LYS A 60 6.39 -10.32 -22.16
C LYS A 60 6.89 -9.00 -21.57
N ILE A 61 6.94 -8.85 -20.23
CA ILE A 61 7.64 -7.69 -19.58
C ILE A 61 9.14 -7.94 -19.74
N PRO A 62 9.87 -7.08 -20.47
CA PRO A 62 11.30 -7.31 -20.69
C PRO A 62 11.97 -7.58 -19.34
N GLY A 63 12.77 -8.63 -19.25
CA GLY A 63 13.51 -9.00 -18.03
C GLY A 63 12.79 -10.00 -17.16
N PHE A 64 11.46 -10.08 -17.23
CA PHE A 64 10.66 -10.87 -16.28
C PHE A 64 11.08 -12.34 -16.26
N VAL A 65 11.20 -12.98 -17.44
CA VAL A 65 11.58 -14.42 -17.55
C VAL A 65 13.06 -14.61 -17.23
N GLU A 66 13.84 -13.54 -17.04
CA GLU A 66 15.28 -13.65 -16.64
C GLU A 66 15.34 -13.76 -15.13
N LEU A 67 14.28 -13.35 -14.43
CA LEU A 67 14.20 -13.49 -12.96
C LEU A 67 14.15 -14.99 -12.65
N SER A 68 14.55 -15.40 -11.45
CA SER A 68 14.38 -16.78 -10.95
C SER A 68 12.89 -17.14 -10.95
N LEU A 69 12.58 -18.41 -11.20
CA LEU A 69 11.20 -18.94 -11.22
C LEU A 69 10.53 -18.63 -9.87
N PHE A 70 11.26 -18.77 -8.76
CA PHE A 70 10.74 -18.43 -7.41
C PHE A 70 10.26 -16.98 -7.41
N ASP A 71 11.04 -16.07 -8.01
CA ASP A 71 10.66 -14.63 -8.01
C ASP A 71 9.41 -14.44 -8.89
N GLN A 72 9.43 -15.02 -10.08
CA GLN A 72 8.34 -14.94 -11.10
C GLN A 72 7.02 -15.34 -10.44
N VAL A 73 7.04 -16.49 -9.76
CA VAL A 73 5.90 -17.08 -9.01
C VAL A 73 5.52 -16.16 -7.86
N ARG A 74 6.51 -15.68 -7.09
CA ARG A 74 6.24 -14.89 -5.86
C ARG A 74 5.58 -13.55 -6.24
N LEU A 75 5.99 -12.95 -7.36
CA LEU A 75 5.45 -11.62 -7.79
C LEU A 75 4.00 -11.79 -8.30
N LEU A 76 3.74 -12.84 -9.09
CA LEU A 76 2.39 -13.13 -9.64
C LEU A 76 1.45 -13.49 -8.48
N GLU A 77 1.91 -14.36 -7.59
CA GLU A 77 1.15 -14.81 -6.39
C GLU A 77 0.77 -13.59 -5.54
N SER A 78 1.75 -12.72 -5.26
CA SER A 78 1.56 -11.47 -4.48
C SER A 78 0.55 -10.56 -5.17
N SER A 79 0.77 -10.24 -6.45
CA SER A 79 0.16 -9.04 -7.11
C SER A 79 -1.11 -9.37 -7.91
N TRP A 80 -1.47 -10.65 -8.14
CA TRP A 80 -2.48 -10.95 -9.19
C TRP A 80 -3.81 -10.18 -8.98
N MET A 81 -4.31 -10.05 -7.74
CA MET A 81 -5.61 -9.39 -7.51
C MET A 81 -5.46 -7.88 -7.76
N GLU A 82 -4.37 -7.24 -7.28
CA GLU A 82 -4.04 -5.83 -7.57
C GLU A 82 -4.05 -5.63 -9.09
N VAL A 83 -3.40 -6.54 -9.83
CA VAL A 83 -3.28 -6.40 -11.33
C VAL A 83 -4.64 -6.62 -12.01
N LEU A 84 -5.48 -7.56 -11.54
CA LEU A 84 -6.87 -7.62 -12.08
C LEU A 84 -7.60 -6.27 -11.83
N MET A 85 -7.57 -5.77 -10.60
CA MET A 85 -8.38 -4.58 -10.23
C MET A 85 -7.93 -3.33 -11.00
N MET A 86 -6.64 -3.23 -11.31
CA MET A 86 -6.06 -2.10 -12.08
C MET A 86 -6.63 -2.19 -13.49
N GLY A 87 -6.69 -3.40 -14.03
CA GLY A 87 -7.31 -3.73 -15.33
C GLY A 87 -8.76 -3.31 -15.35
N LEU A 88 -9.48 -3.66 -14.30
CA LEU A 88 -10.91 -3.31 -14.18
C LEU A 88 -11.06 -1.78 -14.18
N MET A 89 -10.24 -1.07 -13.41
CA MET A 89 -10.39 0.39 -13.21
C MET A 89 -10.18 1.07 -14.55
N TRP A 90 -9.18 0.65 -15.32
CA TRP A 90 -8.90 1.19 -16.68
C TRP A 90 -10.11 0.95 -17.59
N ARG A 91 -10.68 -0.25 -17.57
CA ARG A 91 -11.82 -0.54 -18.47
C ARG A 91 -13.00 0.32 -18.07
N SER A 92 -13.07 0.72 -16.81
CA SER A 92 -14.28 1.34 -16.19
C SER A 92 -14.18 2.88 -16.27
N ILE A 93 -13.01 3.42 -16.63
CA ILE A 93 -12.65 4.84 -16.34
C ILE A 93 -13.65 5.79 -17.01
N ASP A 94 -14.01 5.54 -18.26
CA ASP A 94 -14.97 6.34 -19.06
C ASP A 94 -16.43 6.06 -18.68
N HIS A 95 -16.74 5.06 -17.86
CA HIS A 95 -18.13 4.59 -17.65
C HIS A 95 -18.51 4.78 -16.18
N PRO A 96 -18.68 6.03 -15.71
CA PRO A 96 -18.81 6.32 -14.28
C PRO A 96 -20.05 5.63 -13.72
N GLY A 97 -19.98 5.20 -12.46
CA GLY A 97 -21.02 4.40 -11.81
C GLY A 97 -21.05 2.96 -12.29
N LYS A 98 -20.13 2.56 -13.17
CA LYS A 98 -20.12 1.21 -13.82
C LYS A 98 -18.75 0.54 -13.63
N LEU A 99 -18.76 -0.76 -13.37
CA LEU A 99 -17.53 -1.59 -13.33
C LEU A 99 -17.61 -2.55 -14.52
N ILE A 100 -16.72 -2.35 -15.49
CA ILE A 100 -16.76 -3.07 -16.79
C ILE A 100 -15.88 -4.30 -16.56
N PHE A 101 -16.36 -5.20 -15.71
CA PHE A 101 -15.66 -6.48 -15.49
C PHE A 101 -15.35 -7.05 -16.88
N ALA A 102 -16.36 -7.14 -17.74
CA ALA A 102 -16.21 -7.61 -19.14
C ALA A 102 -17.33 -7.01 -19.99
N PRO A 103 -17.20 -7.13 -21.32
CA PRO A 103 -18.23 -6.66 -22.24
C PRO A 103 -19.60 -7.30 -21.99
N ASP A 104 -19.60 -8.55 -21.49
CA ASP A 104 -20.82 -9.32 -21.16
C ASP A 104 -20.91 -9.43 -19.63
N LEU A 105 -20.26 -8.53 -18.90
CA LEU A 105 -20.37 -8.46 -17.42
C LEU A 105 -20.03 -7.05 -16.97
N VAL A 106 -21.08 -6.26 -16.83
CA VAL A 106 -21.08 -4.82 -16.51
C VAL A 106 -21.99 -4.64 -15.32
N LEU A 107 -21.44 -4.36 -14.14
CA LEU A 107 -22.21 -4.26 -12.87
C LEU A 107 -22.17 -2.83 -12.34
N ASP A 108 -23.21 -2.43 -11.59
CA ASP A 108 -23.22 -1.17 -10.78
C ASP A 108 -23.29 -1.55 -9.29
N ARG A 109 -23.09 -0.54 -8.40
CA ARG A 109 -23.07 -0.63 -6.92
C ARG A 109 -24.32 -1.36 -6.41
N ASP A 110 -25.47 -1.08 -7.02
CA ASP A 110 -26.78 -1.68 -6.66
C ASP A 110 -26.60 -3.20 -6.67
N GLU A 111 -26.17 -3.76 -7.80
CA GLU A 111 -26.03 -5.22 -8.06
C GLU A 111 -25.02 -5.86 -7.10
N GLY A 112 -24.06 -5.09 -6.59
CA GLY A 112 -23.16 -5.51 -5.50
C GLY A 112 -23.90 -5.78 -4.19
N LYS A 113 -25.02 -5.09 -3.96
CA LYS A 113 -25.85 -5.20 -2.72
C LYS A 113 -26.28 -6.65 -2.52
N SER A 114 -26.47 -7.44 -3.60
CA SER A 114 -27.05 -8.80 -3.57
C SER A 114 -26.13 -9.78 -2.84
N VAL A 115 -24.80 -9.58 -2.82
CA VAL A 115 -23.83 -10.44 -2.08
C VAL A 115 -23.17 -9.61 -0.98
N GLU A 116 -23.24 -10.11 0.26
CA GLU A 116 -22.63 -9.45 1.44
C GLU A 116 -21.14 -9.23 1.19
N GLY A 117 -20.64 -8.04 1.52
CA GLY A 117 -19.21 -7.69 1.43
C GLY A 117 -18.81 -7.15 0.07
N ILE A 118 -19.67 -7.24 -0.93
CA ILE A 118 -19.31 -6.90 -2.34
C ILE A 118 -19.55 -5.41 -2.60
N LEU A 119 -20.61 -4.81 -2.03
CA LEU A 119 -20.93 -3.37 -2.21
C LEU A 119 -19.73 -2.54 -1.67
N GLU A 120 -19.17 -2.93 -0.54
CA GLU A 120 -17.98 -2.29 0.06
C GLU A 120 -16.87 -2.29 -1.01
N ILE A 121 -16.74 -3.39 -1.75
CA ILE A 121 -15.58 -3.58 -2.64
C ILE A 121 -15.84 -2.82 -3.94
N PHE A 122 -17.07 -2.83 -4.42
CA PHE A 122 -17.50 -2.07 -5.61
C PHE A 122 -17.38 -0.56 -5.34
N ASP A 123 -17.51 -0.10 -4.10
CA ASP A 123 -17.47 1.34 -3.74
C ASP A 123 -16.01 1.82 -3.78
N MET A 124 -15.10 1.07 -3.19
CA MET A 124 -13.62 1.29 -3.31
C MET A 124 -13.20 1.36 -4.79
N LEU A 125 -13.54 0.34 -5.57
CA LEU A 125 -13.12 0.22 -6.99
C LEU A 125 -13.63 1.43 -7.79
N LEU A 126 -14.91 1.78 -7.58
CA LEU A 126 -15.62 2.89 -8.24
C LEU A 126 -15.06 4.25 -7.79
N ALA A 127 -14.77 4.40 -6.50
CA ALA A 127 -14.17 5.62 -5.89
C ALA A 127 -12.76 5.83 -6.44
N THR A 128 -11.89 4.81 -6.34
CA THR A 128 -10.53 4.82 -6.95
C THR A 128 -10.65 5.07 -8.45
N THR A 129 -11.65 4.49 -9.13
CA THR A 129 -11.79 4.62 -10.60
C THR A 129 -11.97 6.11 -10.92
N SER A 130 -12.78 6.80 -10.11
CA SER A 130 -13.14 8.24 -10.27
C SER A 130 -11.95 9.18 -9.97
N ARG A 131 -11.11 8.86 -9.00
CA ARG A 131 -9.84 9.61 -8.79
C ARG A 131 -8.95 9.47 -10.04
N PHE A 132 -8.87 8.28 -10.65
CA PHE A 132 -8.01 8.08 -11.85
C PHE A 132 -8.63 8.91 -12.98
N ARG A 133 -9.97 9.00 -13.01
CA ARG A 133 -10.77 9.69 -14.05
C ARG A 133 -10.56 11.21 -13.90
N GLU A 134 -10.70 11.72 -12.67
CA GLU A 134 -10.43 13.13 -12.33
C GLU A 134 -8.98 13.49 -12.73
N LEU A 135 -7.99 12.60 -12.49
CA LEU A 135 -6.57 12.82 -12.83
C LEU A 135 -6.32 12.61 -14.32
N LYS A 136 -7.33 12.17 -15.10
CA LYS A 136 -7.21 11.82 -16.55
C LYS A 136 -6.02 10.88 -16.80
N LEU A 137 -5.89 9.82 -16.01
CA LEU A 137 -4.97 8.72 -16.31
C LEU A 137 -4.94 8.46 -17.82
N GLN A 138 -3.75 8.48 -18.42
CA GLN A 138 -3.47 8.14 -19.83
C GLN A 138 -3.06 6.69 -19.94
N HIS A 139 -3.44 6.08 -21.06
CA HIS A 139 -3.21 4.66 -21.39
C HIS A 139 -1.76 4.34 -21.08
N LYS A 140 -0.83 5.16 -21.54
CA LYS A 140 0.62 4.84 -21.40
C LYS A 140 1.00 4.95 -19.92
N GLU A 141 0.37 5.83 -19.13
CA GLU A 141 0.50 5.87 -17.64
C GLU A 141 -0.02 4.56 -17.04
N TYR A 142 -1.17 4.09 -17.49
CA TYR A 142 -1.82 2.87 -16.96
C TYR A 142 -0.82 1.72 -17.15
N LEU A 143 -0.28 1.59 -18.36
CA LEU A 143 0.61 0.48 -18.74
C LEU A 143 1.78 0.42 -17.76
N CYS A 144 2.36 1.57 -17.41
CA CYS A 144 3.56 1.61 -16.53
C CYS A 144 3.16 1.20 -15.12
N VAL A 145 2.12 1.81 -14.54
CA VAL A 145 1.72 1.59 -13.14
C VAL A 145 1.35 0.12 -12.94
N LYS A 146 0.69 -0.50 -13.93
CA LYS A 146 0.17 -1.89 -13.83
C LYS A 146 1.39 -2.80 -13.69
N ALA A 147 2.41 -2.57 -14.53
CA ALA A 147 3.71 -3.29 -14.49
C ALA A 147 4.35 -3.09 -13.12
N MET A 148 4.32 -1.85 -12.61
CA MET A 148 4.94 -1.48 -11.31
C MET A 148 4.22 -2.21 -10.15
N ILE A 149 2.90 -2.34 -10.22
CA ILE A 149 2.10 -3.12 -9.24
C ILE A 149 2.72 -4.52 -9.18
N LEU A 150 3.00 -5.13 -10.34
CA LEU A 150 3.56 -6.50 -10.38
C LEU A 150 4.94 -6.47 -9.73
N LEU A 151 5.83 -5.64 -10.26
CA LEU A 151 7.27 -5.66 -9.90
C LEU A 151 7.50 -5.13 -8.49
N ASN A 152 6.55 -4.40 -7.90
CA ASN A 152 6.77 -3.79 -6.56
C ASN A 152 6.03 -4.54 -5.46
N SER A 153 5.57 -5.76 -5.70
CA SER A 153 4.81 -6.54 -4.68
C SER A 153 5.79 -7.31 -3.76
N SER A 154 5.55 -7.37 -2.44
CA SER A 154 6.34 -8.15 -1.43
N ASP A 166 21.41 -11.95 -7.28
CA ASP A 166 21.29 -12.29 -8.73
C ASP A 166 19.91 -11.83 -9.19
N SER A 167 18.89 -12.66 -8.99
CA SER A 167 17.48 -12.35 -9.29
C SER A 167 17.08 -11.01 -8.65
N SER A 168 17.27 -10.82 -7.35
CA SER A 168 16.75 -9.64 -6.61
C SER A 168 17.25 -8.29 -7.18
N ARG A 169 18.41 -8.28 -7.84
CA ARG A 169 19.05 -7.05 -8.38
C ARG A 169 18.50 -6.82 -9.78
N LYS A 170 18.31 -7.91 -10.53
CA LYS A 170 17.57 -7.90 -11.83
C LYS A 170 16.16 -7.31 -11.55
N LEU A 171 15.49 -7.75 -10.47
CA LEU A 171 14.15 -7.22 -10.13
C LEU A 171 14.24 -5.71 -9.98
N ALA A 172 15.23 -5.23 -9.22
CA ALA A 172 15.40 -3.80 -8.86
C ALA A 172 15.62 -2.97 -10.13
N HIS A 173 16.42 -3.53 -11.04
CA HIS A 173 16.72 -2.92 -12.35
C HIS A 173 15.41 -2.94 -13.15
N LEU A 174 14.71 -4.06 -13.15
CA LEU A 174 13.45 -4.17 -13.93
C LEU A 174 12.54 -3.04 -13.42
N LEU A 175 12.43 -2.86 -12.11
CA LEU A 175 11.49 -1.89 -11.49
C LEU A 175 11.95 -0.43 -11.76
N ASN A 176 13.24 -0.13 -11.70
CA ASN A 176 13.73 1.25 -11.92
C ASN A 176 13.31 1.63 -13.35
N ALA A 177 13.53 0.70 -14.28
CA ALA A 177 13.30 0.89 -15.73
C ALA A 177 11.82 1.18 -15.97
N VAL A 178 10.90 0.49 -15.31
CA VAL A 178 9.47 0.81 -15.57
C VAL A 178 9.14 2.16 -14.93
N THR A 179 9.79 2.51 -13.81
CA THR A 179 9.68 3.84 -13.15
C THR A 179 10.25 4.93 -14.06
N ASP A 180 11.40 4.70 -14.71
CA ASP A 180 11.98 5.67 -15.66
C ASP A 180 10.97 5.91 -16.78
N ALA A 181 10.37 4.82 -17.30
CA ALA A 181 9.34 4.82 -18.37
C ALA A 181 8.15 5.67 -17.92
N LEU A 182 7.61 5.46 -16.71
CA LEU A 182 6.51 6.34 -16.23
C LEU A 182 6.96 7.82 -16.18
N VAL A 183 8.18 8.14 -15.70
CA VAL A 183 8.69 9.54 -15.63
C VAL A 183 8.68 10.06 -17.07
N TRP A 184 9.09 9.22 -18.03
CA TRP A 184 9.15 9.60 -19.46
C TRP A 184 7.73 9.94 -19.89
N VAL A 185 6.76 9.05 -19.66
CA VAL A 185 5.39 9.26 -20.20
C VAL A 185 4.87 10.61 -19.69
N ILE A 186 5.11 10.92 -18.43
CA ILE A 186 4.67 12.19 -17.77
C ILE A 186 5.36 13.39 -18.40
N ALA A 187 6.66 13.29 -18.68
CA ALA A 187 7.44 14.32 -19.36
C ALA A 187 6.76 14.69 -20.70
N LYS A 188 6.38 13.69 -21.47
CA LYS A 188 5.85 13.84 -22.85
C LYS A 188 4.51 14.60 -22.86
N SER A 189 3.83 14.73 -21.72
CA SER A 189 2.62 15.56 -21.57
C SER A 189 3.02 17.03 -21.67
N GLY A 190 4.32 17.29 -21.44
CA GLY A 190 4.93 18.63 -21.48
C GLY A 190 4.35 19.58 -20.44
N ILE A 191 3.84 19.09 -19.29
CA ILE A 191 3.47 20.00 -18.15
C ILE A 191 4.77 20.37 -17.45
N SER A 192 4.71 21.38 -16.56
CA SER A 192 5.89 21.87 -15.83
C SER A 192 6.49 20.71 -15.05
N SER A 193 7.80 20.80 -14.76
CA SER A 193 8.59 19.91 -13.85
C SER A 193 7.88 19.76 -12.49
N GLN A 194 7.62 20.84 -11.77
CA GLN A 194 6.79 20.87 -10.53
C GLN A 194 5.62 19.90 -10.71
N GLN A 195 4.89 20.06 -11.82
CA GLN A 195 3.59 19.38 -12.09
C GLN A 195 3.82 17.93 -12.51
N GLN A 196 4.97 17.60 -13.11
CA GLN A 196 5.34 16.22 -13.48
C GLN A 196 5.55 15.43 -12.18
N SER A 197 6.21 16.04 -11.21
CA SER A 197 6.46 15.48 -9.85
C SER A 197 5.13 15.29 -9.11
N MET A 198 4.28 16.29 -9.11
CA MET A 198 2.96 16.28 -8.47
C MET A 198 2.08 15.21 -9.13
N ARG A 199 2.13 15.08 -10.45
CA ARG A 199 1.32 14.07 -11.15
C ARG A 199 1.81 12.69 -10.72
N LEU A 200 3.13 12.48 -10.76
CA LEU A 200 3.81 11.21 -10.45
C LEU A 200 3.35 10.77 -9.06
N ALA A 201 3.49 11.64 -8.05
CA ALA A 201 3.05 11.39 -6.65
C ALA A 201 1.58 11.00 -6.61
N ASN A 202 0.71 11.72 -7.31
CA ASN A 202 -0.76 11.48 -7.21
C ASN A 202 -1.12 10.10 -7.75
N LEU A 203 -0.43 9.64 -8.81
CA LEU A 203 -0.65 8.34 -9.47
C LEU A 203 -0.16 7.25 -8.51
N LEU A 204 1.01 7.44 -7.89
CA LEU A 204 1.61 6.42 -7.00
C LEU A 204 0.80 6.32 -5.70
N MET A 205 0.33 7.43 -5.20
CA MET A 205 -0.50 7.41 -3.98
C MET A 205 -1.80 6.63 -4.23
N LEU A 206 -2.36 6.71 -5.43
CA LEU A 206 -3.64 6.02 -5.76
C LEU A 206 -3.43 4.52 -5.72
N LEU A 207 -2.20 4.07 -5.96
CA LEU A 207 -1.90 2.64 -6.07
C LEU A 207 -2.20 2.00 -4.71
N SER A 208 -1.86 2.64 -3.60
CA SER A 208 -2.15 2.11 -2.26
C SER A 208 -3.68 1.93 -2.10
N HIS A 209 -4.52 2.74 -2.76
CA HIS A 209 -6.00 2.57 -2.73
C HIS A 209 -6.43 1.33 -3.56
N VAL A 210 -5.73 1.05 -4.67
CA VAL A 210 -5.89 -0.21 -5.47
C VAL A 210 -5.49 -1.41 -4.62
N ARG A 211 -4.41 -1.30 -3.85
CA ARG A 211 -3.85 -2.43 -3.05
C ARG A 211 -4.82 -2.70 -1.89
N HIS A 212 -5.34 -1.66 -1.23
CA HIS A 212 -6.39 -1.79 -0.20
C HIS A 212 -7.62 -2.54 -0.75
N ALA A 213 -8.06 -2.23 -1.95
CA ALA A 213 -9.31 -2.79 -2.53
C ALA A 213 -9.07 -4.27 -2.85
N SER A 214 -7.83 -4.61 -3.18
CA SER A 214 -7.42 -5.99 -3.52
C SER A 214 -7.22 -6.78 -2.22
N ASN A 215 -6.67 -6.17 -1.18
CA ASN A 215 -6.65 -6.73 0.21
C ASN A 215 -8.08 -7.13 0.61
N LYS A 216 -9.09 -6.27 0.43
CA LYS A 216 -10.50 -6.54 0.82
C LYS A 216 -11.09 -7.66 -0.07
N GLY A 217 -10.80 -7.66 -1.39
CA GLY A 217 -11.30 -8.65 -2.37
C GLY A 217 -10.77 -10.05 -2.10
N MET A 218 -9.49 -10.16 -1.73
CA MET A 218 -8.78 -11.41 -1.37
C MET A 218 -9.41 -12.02 -0.11
N GLU A 219 -9.70 -11.18 0.90
CA GLU A 219 -10.39 -11.50 2.17
C GLU A 219 -11.79 -12.07 1.84
N HIS A 220 -12.55 -11.36 1.03
CA HIS A 220 -13.92 -11.78 0.63
C HIS A 220 -13.85 -13.13 -0.09
N LEU A 221 -12.89 -13.28 -1.01
CA LEU A 221 -12.84 -14.43 -1.95
C LEU A 221 -12.35 -15.66 -1.17
N LEU A 222 -11.38 -15.49 -0.30
CA LEU A 222 -10.90 -16.59 0.59
C LEU A 222 -12.05 -17.05 1.52
N ASN A 223 -12.97 -16.15 1.89
CA ASN A 223 -14.10 -16.46 2.78
C ASN A 223 -15.13 -17.30 2.03
N MET A 224 -15.37 -16.99 0.75
CA MET A 224 -16.30 -17.72 -0.15
C MET A 224 -15.71 -19.11 -0.46
N LYS A 225 -14.38 -19.24 -0.53
CA LYS A 225 -13.70 -20.53 -0.83
C LYS A 225 -13.83 -21.47 0.38
N SER A 226 -13.55 -20.98 1.59
CA SER A 226 -13.66 -21.72 2.88
C SER A 226 -15.04 -22.38 3.01
N LYS A 227 -16.09 -21.66 2.60
CA LYS A 227 -17.50 -22.11 2.62
C LYS A 227 -17.81 -22.78 1.28
N ASN A 228 -16.81 -22.96 0.42
CA ASN A 228 -16.90 -23.65 -0.89
C ASN A 228 -18.11 -23.16 -1.67
N VAL A 229 -18.43 -21.87 -1.68
CA VAL A 229 -19.59 -21.34 -2.48
C VAL A 229 -19.16 -20.80 -3.85
N VAL A 230 -17.87 -20.92 -4.21
CA VAL A 230 -17.34 -20.39 -5.49
C VAL A 230 -16.84 -21.58 -6.26
N PRO A 231 -17.24 -21.74 -7.54
CA PRO A 231 -16.74 -22.81 -8.40
C PRO A 231 -15.24 -23.05 -8.25
N VAL A 232 -14.87 -24.32 -8.09
CA VAL A 232 -13.46 -24.81 -8.09
C VAL A 232 -12.86 -24.48 -9.47
N TYR A 233 -11.98 -23.48 -9.54
CA TYR A 233 -11.16 -23.19 -10.74
C TYR A 233 -9.68 -23.23 -10.37
N ASP A 234 -8.93 -24.10 -11.05
CA ASP A 234 -7.57 -24.59 -10.71
C ASP A 234 -6.57 -23.42 -10.59
N LEU A 235 -6.47 -22.54 -11.59
CA LEU A 235 -5.43 -21.48 -11.56
C LEU A 235 -5.85 -20.43 -10.53
N LEU A 236 -7.14 -20.09 -10.48
CA LEU A 236 -7.67 -19.17 -9.44
C LEU A 236 -7.39 -19.77 -8.05
N LEU A 237 -7.79 -21.03 -7.87
CA LEU A 237 -7.54 -21.83 -6.64
C LEU A 237 -6.06 -21.77 -6.26
N GLU A 238 -5.14 -22.13 -7.16
CA GLU A 238 -3.70 -22.17 -6.80
C GLU A 238 -3.30 -20.74 -6.38
N MET A 239 -3.74 -19.75 -7.15
CA MET A 239 -3.37 -18.33 -6.95
C MET A 239 -3.91 -17.91 -5.58
N LEU A 240 -5.12 -18.36 -5.21
CA LEU A 240 -5.75 -17.98 -3.92
C LEU A 240 -5.02 -18.67 -2.78
N ASN A 241 -4.76 -19.97 -2.94
CA ASN A 241 -4.05 -20.81 -1.94
C ASN A 241 -2.73 -20.14 -1.56
N ALA A 242 -1.97 -19.68 -2.55
CA ALA A 242 -0.68 -19.01 -2.32
C ALA A 242 -0.82 -18.10 -1.10
N HIS A 243 -1.89 -17.30 -1.03
CA HIS A 243 -2.19 -16.41 0.13
C HIS A 243 -2.56 -17.28 1.33
N LEU B 8 1.55 27.68 4.85
CA LEU B 8 1.78 28.45 3.61
C LEU B 8 2.87 27.74 2.80
N SER B 9 4.10 28.26 2.81
CA SER B 9 5.19 27.80 1.89
C SER B 9 5.56 26.35 2.24
N PRO B 10 5.98 25.51 1.26
CA PRO B 10 6.51 24.18 1.57
C PRO B 10 7.45 24.14 2.79
N GLU B 11 8.34 25.13 2.93
CA GLU B 11 9.41 25.17 3.97
C GLU B 11 8.72 25.43 5.32
N GLN B 12 7.75 26.36 5.33
CA GLN B 12 6.88 26.63 6.49
C GLN B 12 6.15 25.34 6.88
N LEU B 13 5.58 24.58 5.93
CA LEU B 13 4.84 23.33 6.22
C LEU B 13 5.80 22.28 6.80
N VAL B 14 6.98 22.10 6.21
CA VAL B 14 8.04 21.18 6.72
C VAL B 14 8.40 21.54 8.17
N LEU B 15 8.59 22.83 8.49
CA LEU B 15 9.00 23.27 9.83
C LEU B 15 7.83 23.11 10.81
N THR B 16 6.59 23.26 10.35
CA THR B 16 5.41 22.89 11.17
C THR B 16 5.44 21.38 11.46
N LEU B 17 5.82 20.53 10.50
CA LEU B 17 5.81 19.07 10.78
C LEU B 17 6.93 18.78 11.79
N LEU B 18 8.07 19.44 11.64
CA LEU B 18 9.22 19.29 12.56
C LEU B 18 8.77 19.65 13.96
N GLU B 19 8.07 20.77 14.16
CA GLU B 19 7.64 21.15 15.53
C GLU B 19 6.64 20.11 16.06
N ALA B 20 5.80 19.56 15.18
CA ALA B 20 4.71 18.63 15.55
C ALA B 20 5.26 17.25 15.95
N GLU B 21 6.53 16.94 15.72
CA GLU B 21 7.04 15.58 16.02
C GLU B 21 6.71 15.19 17.46
N PRO B 22 6.14 14.00 17.74
CA PRO B 22 6.00 13.53 19.12
C PRO B 22 7.32 13.40 19.89
N PRO B 23 7.28 13.58 21.23
CA PRO B 23 8.42 13.25 22.10
C PRO B 23 8.67 11.73 22.20
N HIS B 24 9.89 11.32 22.56
CA HIS B 24 10.25 9.91 22.90
C HIS B 24 9.23 9.36 23.90
N VAL B 25 8.66 8.21 23.61
CA VAL B 25 7.82 7.44 24.58
C VAL B 25 8.77 6.46 25.29
N LEU B 26 8.80 6.49 26.62
CA LEU B 26 9.76 5.69 27.42
C LEU B 26 9.05 4.46 27.97
N ILE B 27 9.58 3.28 27.63
CA ILE B 27 9.10 1.95 28.08
C ILE B 27 10.35 1.17 28.49
N SER B 28 10.35 0.66 29.73
CA SER B 28 11.38 -0.27 30.28
C SER B 28 11.30 -1.59 29.51
N ARG B 29 12.45 -2.15 29.17
CA ARG B 29 12.57 -3.60 28.82
C ARG B 29 12.30 -4.43 30.07
N PRO B 30 11.53 -5.53 29.97
CA PRO B 30 11.39 -6.47 31.08
C PRO B 30 12.78 -6.82 31.64
N SER B 31 12.89 -6.86 32.97
CA SER B 31 14.05 -7.40 33.71
C SER B 31 14.37 -8.82 33.24
N ALA B 32 13.35 -9.67 33.09
CA ALA B 32 13.51 -11.08 32.71
C ALA B 32 13.60 -11.18 31.20
N PRO B 33 14.35 -12.19 30.67
CA PRO B 33 14.37 -12.47 29.24
C PRO B 33 12.93 -12.63 28.74
N PHE B 34 12.62 -12.22 27.49
CA PHE B 34 11.25 -12.00 26.94
C PHE B 34 10.49 -13.33 26.82
N THR B 35 9.20 -13.32 27.16
CA THR B 35 8.22 -14.40 26.90
C THR B 35 7.20 -13.89 25.89
N GLU B 36 6.35 -14.75 25.34
CA GLU B 36 5.27 -14.32 24.41
C GLU B 36 4.55 -13.16 25.08
N ALA B 37 4.30 -13.27 26.39
CA ALA B 37 3.49 -12.31 27.18
C ALA B 37 4.29 -11.03 27.41
N SER B 38 5.48 -11.13 27.98
CA SER B 38 6.26 -9.94 28.38
C SER B 38 6.40 -9.03 27.13
N MET B 39 6.77 -9.63 26.00
CA MET B 39 7.00 -8.90 24.72
C MET B 39 5.67 -8.36 24.20
N MET B 40 4.61 -9.17 24.19
CA MET B 40 3.31 -8.65 23.74
C MET B 40 2.86 -7.49 24.66
N MET B 41 3.11 -7.57 25.97
CA MET B 41 2.69 -6.48 26.90
C MET B 41 3.54 -5.22 26.65
N SER B 42 4.83 -5.41 26.33
CA SER B 42 5.78 -4.31 26.00
C SER B 42 5.30 -3.55 24.75
N LEU B 43 4.94 -4.30 23.69
CA LEU B 43 4.67 -3.77 22.34
C LEU B 43 3.30 -3.11 22.35
N THR B 44 2.37 -3.66 23.13
CA THR B 44 0.99 -3.12 23.22
C THR B 44 0.98 -1.89 24.14
N LYS B 45 1.77 -1.90 25.21
CA LYS B 45 1.82 -0.74 26.14
C LYS B 45 2.41 0.44 25.35
N LEU B 46 3.53 0.22 24.64
CA LEU B 46 4.18 1.23 23.76
C LEU B 46 3.17 1.79 22.74
N ALA B 47 2.43 0.91 22.06
CA ALA B 47 1.53 1.28 20.95
C ALA B 47 0.46 2.21 21.51
N ASP B 48 -0.07 1.87 22.68
CA ASP B 48 -1.21 2.61 23.27
C ASP B 48 -0.73 4.02 23.66
N LYS B 49 0.47 4.14 24.26
CA LYS B 49 1.09 5.45 24.60
C LYS B 49 1.35 6.26 23.32
N GLU B 50 2.00 5.65 22.31
CA GLU B 50 2.26 6.32 21.01
C GLU B 50 0.92 6.78 20.39
N LEU B 51 -0.12 5.97 20.49
CA LEU B 51 -1.42 6.37 19.87
C LEU B 51 -1.89 7.71 20.46
N VAL B 52 -1.77 7.91 21.76
CA VAL B 52 -2.10 9.20 22.43
C VAL B 52 -1.29 10.31 21.72
N HIS B 53 0.01 10.11 21.55
CA HIS B 53 0.90 11.17 21.00
C HIS B 53 0.62 11.32 19.50
N MET B 54 0.19 10.25 18.82
CA MET B 54 -0.18 10.32 17.38
C MET B 54 -1.38 11.27 17.22
N ILE B 55 -2.39 11.16 18.07
CA ILE B 55 -3.61 12.00 17.92
C ILE B 55 -3.15 13.46 18.08
N SER B 56 -2.32 13.71 19.08
CA SER B 56 -1.73 15.06 19.32
C SER B 56 -0.95 15.52 18.08
N TRP B 57 -0.12 14.64 17.50
CA TRP B 57 0.67 14.98 16.30
C TRP B 57 -0.25 15.39 15.14
N ALA B 58 -1.33 14.63 14.89
CA ALA B 58 -2.21 14.86 13.72
C ALA B 58 -2.85 16.24 13.82
N LYS B 59 -3.35 16.59 14.98
CA LYS B 59 -3.99 17.92 15.23
C LYS B 59 -3.02 19.09 15.04
N LYS B 60 -1.69 18.86 15.06
CA LYS B 60 -0.68 19.93 14.89
C LYS B 60 -0.28 20.01 13.41
N ILE B 61 -0.76 19.10 12.55
CA ILE B 61 -0.62 19.19 11.07
C ILE B 61 -1.58 20.27 10.57
N PRO B 62 -1.11 21.30 9.83
CA PRO B 62 -1.96 22.44 9.48
C PRO B 62 -3.13 22.01 8.59
N GLY B 63 -4.36 22.31 8.96
CA GLY B 63 -5.56 22.00 8.16
C GLY B 63 -6.26 20.72 8.58
N PHE B 64 -5.61 19.84 9.33
CA PHE B 64 -6.18 18.55 9.78
C PHE B 64 -7.45 18.77 10.60
N VAL B 65 -7.38 19.66 11.56
CA VAL B 65 -8.47 19.91 12.54
C VAL B 65 -9.61 20.69 11.85
N GLU B 66 -9.43 21.08 10.59
CA GLU B 66 -10.48 21.80 9.80
C GLU B 66 -11.31 20.79 9.01
N LEU B 67 -10.80 19.57 8.85
CA LEU B 67 -11.58 18.41 8.34
C LEU B 67 -12.76 18.14 9.26
N SER B 68 -13.79 17.48 8.74
CA SER B 68 -14.88 16.81 9.47
C SER B 68 -14.28 15.88 10.55
N LEU B 69 -14.83 15.89 11.76
CA LEU B 69 -14.47 14.99 12.88
C LEU B 69 -14.34 13.57 12.32
N PHE B 70 -15.33 13.13 11.57
CA PHE B 70 -15.46 11.75 11.02
C PHE B 70 -14.31 11.46 10.05
N ASP B 71 -13.88 12.45 9.27
CA ASP B 71 -12.70 12.34 8.38
C ASP B 71 -11.43 12.18 9.26
N GLN B 72 -11.21 13.09 10.22
CA GLN B 72 -10.13 12.95 11.22
C GLN B 72 -10.14 11.52 11.79
N VAL B 73 -11.26 11.07 12.29
CA VAL B 73 -11.37 9.73 12.94
C VAL B 73 -10.95 8.66 11.95
N ARG B 74 -11.54 8.71 10.75
CA ARG B 74 -11.34 7.71 9.67
C ARG B 74 -9.84 7.63 9.27
N LEU B 75 -9.15 8.78 9.19
CA LEU B 75 -7.69 8.83 8.87
C LEU B 75 -6.88 8.15 9.96
N LEU B 76 -7.21 8.41 11.23
CA LEU B 76 -6.38 7.86 12.34
C LEU B 76 -6.67 6.38 12.47
N GLU B 77 -7.93 5.98 12.29
CA GLU B 77 -8.38 4.57 12.41
C GLU B 77 -7.74 3.74 11.30
N SER B 78 -7.80 4.26 10.09
CA SER B 78 -7.26 3.66 8.86
C SER B 78 -5.72 3.56 8.81
N SER B 79 -4.94 4.52 9.35
CA SER B 79 -3.48 4.64 9.11
C SER B 79 -2.63 4.37 10.35
N TRP B 80 -3.21 4.27 11.54
CA TRP B 80 -2.45 4.34 12.81
C TRP B 80 -1.29 3.34 12.84
N MET B 81 -1.51 2.10 12.40
CA MET B 81 -0.44 1.07 12.51
C MET B 81 0.67 1.42 11.52
N GLU B 82 0.33 1.87 10.31
CA GLU B 82 1.32 2.27 9.28
C GLU B 82 2.11 3.45 9.82
N VAL B 83 1.43 4.36 10.53
CA VAL B 83 2.15 5.51 11.13
C VAL B 83 3.09 5.05 12.22
N LEU B 84 2.68 4.15 13.12
CA LEU B 84 3.60 3.64 14.15
C LEU B 84 4.80 3.01 13.46
N MET B 85 4.54 2.23 12.44
CA MET B 85 5.61 1.44 11.78
C MET B 85 6.58 2.32 10.99
N MET B 86 6.11 3.42 10.42
CA MET B 86 6.99 4.42 9.78
C MET B 86 7.87 5.07 10.86
N GLY B 87 7.29 5.39 12.02
CA GLY B 87 8.03 5.87 13.20
C GLY B 87 9.15 4.92 13.61
N LEU B 88 8.85 3.64 13.69
CA LEU B 88 9.82 2.60 14.12
C LEU B 88 10.97 2.50 13.09
N MET B 89 10.66 2.49 11.79
CA MET B 89 11.71 2.30 10.74
C MET B 89 12.69 3.46 10.80
N TRP B 90 12.21 4.69 10.98
CA TRP B 90 13.05 5.91 11.13
C TRP B 90 13.95 5.82 12.38
N ARG B 91 13.39 5.66 13.60
CA ARG B 91 14.17 5.41 14.84
C ARG B 91 15.17 4.27 14.67
N SER B 92 14.90 3.31 13.77
CA SER B 92 15.72 2.08 13.56
C SER B 92 16.79 2.28 12.45
N ILE B 93 16.82 3.42 11.74
CA ILE B 93 17.52 3.60 10.43
C ILE B 93 19.04 3.63 10.68
N ASP B 94 19.47 4.24 11.78
CA ASP B 94 20.90 4.46 12.17
C ASP B 94 21.48 3.23 12.89
N HIS B 95 20.68 2.17 13.09
CA HIS B 95 21.06 0.98 13.90
C HIS B 95 20.66 -0.28 13.14
N PRO B 96 21.39 -0.65 12.06
CA PRO B 96 21.11 -1.87 11.30
C PRO B 96 21.02 -3.18 12.12
N GLY B 97 20.05 -4.04 11.76
CA GLY B 97 19.77 -5.33 12.42
C GLY B 97 18.90 -5.18 13.68
N LYS B 98 18.92 -4.01 14.34
CA LYS B 98 18.11 -3.72 15.55
C LYS B 98 16.75 -3.15 15.13
N LEU B 99 15.76 -3.24 16.02
CA LEU B 99 14.49 -2.50 15.87
C LEU B 99 14.34 -1.65 17.12
N ILE B 100 14.31 -0.33 16.93
CA ILE B 100 14.38 0.64 18.06
C ILE B 100 12.95 1.06 18.43
N PHE B 101 12.27 0.19 19.17
CA PHE B 101 10.84 0.40 19.53
C PHE B 101 10.71 1.62 20.45
N ALA B 102 11.62 1.74 21.41
CA ALA B 102 11.76 2.94 22.26
C ALA B 102 13.23 3.02 22.64
N PRO B 103 13.71 4.18 23.14
CA PRO B 103 15.08 4.32 23.62
C PRO B 103 15.57 3.12 24.45
N ASP B 104 14.77 2.60 25.38
CA ASP B 104 15.20 1.47 26.23
C ASP B 104 14.47 0.17 25.86
N LEU B 105 14.06 0.01 24.60
CA LEU B 105 13.44 -1.25 24.12
C LEU B 105 13.95 -1.54 22.70
N VAL B 106 15.14 -2.15 22.63
CA VAL B 106 15.93 -2.25 21.37
C VAL B 106 16.00 -3.73 21.01
N LEU B 107 15.09 -4.20 20.17
CA LEU B 107 14.86 -5.65 19.93
C LEU B 107 15.70 -6.07 18.71
N ASP B 108 16.35 -7.24 18.84
CA ASP B 108 17.10 -7.94 17.76
C ASP B 108 16.04 -8.70 16.94
N ARG B 109 16.37 -9.00 15.68
CA ARG B 109 15.56 -9.87 14.80
C ARG B 109 15.22 -11.18 15.54
N ASP B 110 16.23 -11.81 16.15
CA ASP B 110 16.13 -13.18 16.73
C ASP B 110 15.22 -13.15 17.97
N GLU B 111 15.11 -12.02 18.68
CA GLU B 111 14.25 -11.83 19.88
C GLU B 111 12.75 -11.83 19.54
N GLY B 112 12.38 -11.95 18.26
CA GLY B 112 10.98 -12.13 17.81
C GLY B 112 10.53 -13.57 17.96
N LYS B 113 11.47 -14.50 18.16
CA LYS B 113 11.20 -15.94 18.49
C LYS B 113 10.13 -16.05 19.57
N SER B 114 10.15 -15.12 20.54
CA SER B 114 9.33 -15.12 21.78
C SER B 114 7.82 -14.99 21.48
N VAL B 115 7.40 -14.51 20.30
CA VAL B 115 5.96 -14.45 19.92
C VAL B 115 5.75 -15.18 18.60
N GLU B 116 4.88 -16.18 18.56
CA GLU B 116 4.57 -16.92 17.32
C GLU B 116 4.10 -15.93 16.25
N GLY B 117 4.79 -15.86 15.11
CA GLY B 117 4.39 -15.01 13.96
C GLY B 117 5.02 -13.62 13.96
N ILE B 118 5.53 -13.11 15.08
CA ILE B 118 6.08 -11.72 15.17
C ILE B 118 7.39 -11.63 14.37
N LEU B 119 8.17 -12.72 14.27
CA LEU B 119 9.51 -12.75 13.60
C LEU B 119 9.36 -12.34 12.13
N GLU B 120 8.37 -12.92 11.46
CA GLU B 120 7.93 -12.58 10.08
C GLU B 120 7.68 -11.07 9.95
N ILE B 121 7.05 -10.43 10.95
CA ILE B 121 6.74 -8.97 10.99
C ILE B 121 8.05 -8.19 11.14
N PHE B 122 8.97 -8.66 11.99
CA PHE B 122 10.29 -8.03 12.26
C PHE B 122 11.16 -8.01 10.98
N ASP B 123 11.12 -9.06 10.16
CA ASP B 123 11.93 -9.17 8.91
C ASP B 123 11.41 -8.16 7.89
N MET B 124 10.09 -8.07 7.72
CA MET B 124 9.43 -7.01 6.91
C MET B 124 9.93 -5.62 7.34
N LEU B 125 9.81 -5.31 8.62
CA LEU B 125 10.23 -4.01 9.23
C LEU B 125 11.71 -3.75 8.94
N LEU B 126 12.55 -4.73 9.23
CA LEU B 126 14.03 -4.61 9.06
C LEU B 126 14.43 -4.46 7.59
N ALA B 127 13.80 -5.22 6.69
CA ALA B 127 14.07 -5.18 5.23
C ALA B 127 13.72 -3.79 4.69
N THR B 128 12.46 -3.37 4.83
CA THR B 128 11.99 -2.01 4.49
C THR B 128 12.88 -0.92 5.10
N THR B 129 13.26 -1.02 6.38
CA THR B 129 14.15 -0.05 7.07
C THR B 129 15.49 0.01 6.31
N SER B 130 15.93 -1.10 5.69
CA SER B 130 17.22 -1.19 4.93
C SER B 130 17.09 -0.47 3.58
N ARG B 131 15.95 -0.65 2.89
CA ARG B 131 15.60 0.10 1.65
C ARG B 131 15.64 1.60 1.96
N PHE B 132 15.15 2.04 3.11
CA PHE B 132 15.16 3.48 3.49
C PHE B 132 16.61 3.92 3.80
N ARG B 133 17.43 3.03 4.35
CA ARG B 133 18.84 3.33 4.72
C ARG B 133 19.67 3.51 3.45
N GLU B 134 19.39 2.72 2.42
CA GLU B 134 20.14 2.69 1.14
C GLU B 134 19.65 3.81 0.20
N LEU B 135 18.40 4.27 0.33
CA LEU B 135 17.91 5.51 -0.32
C LEU B 135 18.44 6.72 0.44
N LYS B 136 19.06 6.52 1.61
CA LYS B 136 19.56 7.62 2.48
C LYS B 136 18.41 8.60 2.77
N LEU B 137 17.26 8.07 3.16
CA LEU B 137 16.10 8.87 3.61
C LEU B 137 16.54 10.03 4.55
N GLN B 138 16.23 11.25 4.16
CA GLN B 138 16.52 12.48 4.92
C GLN B 138 15.37 12.77 5.89
N HIS B 139 15.69 13.47 6.97
CA HIS B 139 14.79 13.80 8.09
C HIS B 139 13.57 14.51 7.51
N LYS B 140 13.79 15.47 6.60
CA LYS B 140 12.67 16.30 6.11
C LYS B 140 11.82 15.50 5.12
N GLU B 141 12.39 14.49 4.45
CA GLU B 141 11.60 13.57 3.59
C GLU B 141 10.70 12.71 4.48
N TYR B 142 11.23 12.19 5.57
CA TYR B 142 10.51 11.31 6.54
C TYR B 142 9.25 12.02 7.07
N LEU B 143 9.40 13.27 7.47
CA LEU B 143 8.34 14.10 8.07
C LEU B 143 7.18 14.19 7.11
N CYS B 144 7.49 14.44 5.83
CA CYS B 144 6.52 14.58 4.71
C CYS B 144 5.86 13.21 4.45
N VAL B 145 6.67 12.17 4.27
CA VAL B 145 6.20 10.79 3.94
C VAL B 145 5.24 10.35 5.08
N LYS B 146 5.58 10.58 6.35
CA LYS B 146 4.71 10.11 7.47
C LYS B 146 3.32 10.80 7.46
N ALA B 147 3.26 12.13 7.32
CA ALA B 147 1.99 12.87 7.12
C ALA B 147 1.21 12.32 5.92
N MET B 148 1.92 11.96 4.84
CA MET B 148 1.30 11.50 3.57
C MET B 148 0.60 10.16 3.82
N ILE B 149 1.19 9.28 4.62
CA ILE B 149 0.59 7.99 5.01
C ILE B 149 -0.72 8.28 5.73
N LEU B 150 -0.68 9.20 6.69
CA LEU B 150 -1.90 9.59 7.43
C LEU B 150 -2.94 10.09 6.41
N LEU B 151 -2.60 11.14 5.66
CA LEU B 151 -3.61 11.86 4.83
C LEU B 151 -4.00 11.05 3.60
N ASN B 152 -3.25 10.00 3.21
CA ASN B 152 -3.55 9.20 1.99
C ASN B 152 -4.29 7.91 2.34
N SER B 153 -4.66 7.71 3.60
CA SER B 153 -5.15 6.41 4.11
C SER B 153 -6.64 6.20 3.77
N SER B 154 -7.36 7.22 3.28
CA SER B 154 -8.77 7.11 2.82
N ASP B 166 -15.99 21.95 2.82
CA ASP B 166 -16.09 20.53 2.34
C ASP B 166 -14.78 19.78 2.63
N SER B 167 -14.88 18.63 3.31
CA SER B 167 -13.72 17.93 3.94
C SER B 167 -12.94 17.18 2.86
N SER B 168 -13.62 16.53 1.91
CA SER B 168 -12.99 15.78 0.78
C SER B 168 -12.08 16.72 -0.02
N ARG B 169 -12.55 17.93 -0.30
CA ARG B 169 -11.81 18.95 -1.06
C ARG B 169 -10.62 19.42 -0.22
N LYS B 170 -10.81 19.60 1.10
CA LYS B 170 -9.73 20.07 2.04
C LYS B 170 -8.64 19.00 2.19
N LEU B 171 -9.02 17.73 2.21
CA LEU B 171 -8.05 16.63 2.41
C LEU B 171 -7.16 16.53 1.16
N ALA B 172 -7.79 16.50 -0.02
CA ALA B 172 -7.08 16.59 -1.31
C ALA B 172 -6.09 17.75 -1.26
N HIS B 173 -6.53 18.93 -0.84
CA HIS B 173 -5.68 20.14 -0.76
C HIS B 173 -4.53 19.90 0.21
N LEU B 174 -4.86 19.49 1.44
CA LEU B 174 -3.87 19.26 2.52
C LEU B 174 -2.83 18.23 2.08
N LEU B 175 -3.25 17.15 1.41
CA LEU B 175 -2.37 16.11 0.80
C LEU B 175 -1.59 16.68 -0.40
N ASN B 176 -2.18 17.54 -1.22
CA ASN B 176 -1.39 18.21 -2.28
C ASN B 176 -0.27 19.05 -1.62
N ALA B 177 -0.54 19.70 -0.47
CA ALA B 177 0.40 20.64 0.18
C ALA B 177 1.57 19.84 0.77
N VAL B 178 1.28 18.76 1.48
CA VAL B 178 2.39 17.91 2.02
C VAL B 178 3.22 17.35 0.86
N THR B 179 2.57 16.94 -0.23
CA THR B 179 3.23 16.39 -1.45
C THR B 179 4.09 17.48 -2.08
N ASP B 180 3.56 18.69 -2.21
CA ASP B 180 4.32 19.87 -2.67
C ASP B 180 5.56 20.05 -1.80
N ALA B 181 5.41 19.94 -0.47
CA ALA B 181 6.54 20.06 0.50
C ALA B 181 7.60 18.99 0.22
N LEU B 182 7.21 17.73 0.05
CA LEU B 182 8.21 16.66 -0.24
C LEU B 182 8.89 16.96 -1.58
N VAL B 183 8.12 17.42 -2.57
CA VAL B 183 8.73 17.71 -3.90
C VAL B 183 9.81 18.79 -3.71
N TRP B 184 9.55 19.81 -2.88
CA TRP B 184 10.48 20.91 -2.52
C TRP B 184 11.72 20.37 -1.80
N VAL B 185 11.54 19.58 -0.75
CA VAL B 185 12.67 19.01 0.02
C VAL B 185 13.62 18.28 -0.93
N ILE B 186 13.12 17.37 -1.79
CA ILE B 186 13.93 16.61 -2.79
C ILE B 186 14.68 17.57 -3.75
N ALA B 187 14.02 18.62 -4.26
CA ALA B 187 14.66 19.68 -5.10
C ALA B 187 15.82 20.35 -4.34
N LYS B 188 15.63 20.73 -3.08
CA LYS B 188 16.68 21.40 -2.28
C LYS B 188 17.88 20.44 -2.17
N SER B 189 17.73 19.18 -2.59
CA SER B 189 18.87 18.23 -2.62
C SER B 189 19.77 18.55 -3.82
N GLY B 190 19.19 19.14 -4.87
CA GLY B 190 19.90 19.69 -6.05
C GLY B 190 20.28 18.62 -7.08
N ILE B 191 19.87 17.37 -6.92
CA ILE B 191 20.07 16.31 -7.98
C ILE B 191 19.24 16.73 -9.19
N SER B 192 19.47 16.10 -10.35
CA SER B 192 18.76 16.39 -11.63
C SER B 192 17.25 16.19 -11.44
N SER B 193 16.40 16.94 -12.17
CA SER B 193 14.93 16.80 -12.23
C SER B 193 14.56 15.32 -12.43
N GLN B 194 15.28 14.59 -13.28
CA GLN B 194 15.00 13.17 -13.60
C GLN B 194 15.24 12.31 -12.34
N GLN B 195 16.28 12.65 -11.58
CA GLN B 195 16.63 11.96 -10.32
C GLN B 195 15.67 12.41 -9.20
N GLN B 196 15.06 13.57 -9.31
CA GLN B 196 14.07 14.10 -8.34
C GLN B 196 12.81 13.25 -8.47
N SER B 197 12.40 13.00 -9.71
CA SER B 197 11.23 12.15 -10.08
C SER B 197 11.47 10.72 -9.63
N MET B 198 12.67 10.18 -9.91
CA MET B 198 13.05 8.78 -9.56
C MET B 198 13.07 8.56 -8.04
N ARG B 199 13.55 9.54 -7.26
CA ARG B 199 13.70 9.45 -5.79
C ARG B 199 12.31 9.54 -5.19
N LEU B 200 11.48 10.48 -5.67
CA LEU B 200 10.04 10.63 -5.30
C LEU B 200 9.31 9.29 -5.54
N ALA B 201 9.57 8.63 -6.67
CA ALA B 201 8.89 7.36 -7.03
C ALA B 201 9.38 6.24 -6.10
N ASN B 202 10.67 6.16 -5.80
CA ASN B 202 11.27 5.05 -5.01
C ASN B 202 10.83 5.17 -3.55
N LEU B 203 10.65 6.40 -3.04
CA LEU B 203 10.17 6.68 -1.67
C LEU B 203 8.71 6.27 -1.56
N LEU B 204 7.87 6.72 -2.49
CA LEU B 204 6.42 6.38 -2.49
C LEU B 204 6.21 4.87 -2.66
N MET B 205 6.90 4.19 -3.58
CA MET B 205 6.77 2.73 -3.77
C MET B 205 7.21 2.00 -2.50
N LEU B 206 8.05 2.60 -1.63
CA LEU B 206 8.49 1.95 -0.36
C LEU B 206 7.33 2.01 0.66
N LEU B 207 6.48 3.03 0.58
CA LEU B 207 5.28 3.16 1.45
C LEU B 207 4.35 1.96 1.26
N SER B 208 4.22 1.37 0.06
CA SER B 208 3.39 0.15 -0.17
C SER B 208 3.92 -0.98 0.71
N HIS B 209 5.24 -1.03 0.96
CA HIS B 209 5.90 -2.07 1.79
C HIS B 209 5.62 -1.81 3.29
N VAL B 210 5.53 -0.54 3.69
CA VAL B 210 5.14 -0.15 5.07
C VAL B 210 3.69 -0.60 5.30
N ARG B 211 2.77 -0.24 4.41
CA ARG B 211 1.32 -0.57 4.53
C ARG B 211 1.16 -2.10 4.53
N HIS B 212 1.99 -2.83 3.81
CA HIS B 212 1.89 -4.31 3.80
C HIS B 212 2.20 -4.85 5.22
N ALA B 213 3.34 -4.41 5.79
CA ALA B 213 3.86 -4.77 7.12
C ALA B 213 2.78 -4.45 8.17
N SER B 214 2.12 -3.31 7.99
CA SER B 214 1.02 -2.79 8.84
C SER B 214 -0.20 -3.72 8.78
N ASN B 215 -0.53 -4.27 7.61
CA ASN B 215 -1.71 -5.17 7.47
C ASN B 215 -1.44 -6.49 8.19
N LYS B 216 -0.22 -7.00 8.11
CA LYS B 216 0.22 -8.29 8.70
C LYS B 216 0.22 -8.13 10.22
N GLY B 217 0.76 -7.00 10.71
CA GLY B 217 0.78 -6.62 12.14
C GLY B 217 -0.62 -6.40 12.72
N MET B 218 -1.53 -5.77 11.99
CA MET B 218 -2.94 -5.66 12.42
C MET B 218 -3.57 -7.06 12.51
N GLU B 219 -3.33 -7.91 11.51
CA GLU B 219 -3.82 -9.33 11.51
C GLU B 219 -3.20 -10.04 12.72
N HIS B 220 -1.89 -9.85 12.96
CA HIS B 220 -1.15 -10.46 14.10
C HIS B 220 -1.75 -10.01 15.44
N LEU B 221 -2.03 -8.72 15.57
CA LEU B 221 -2.60 -8.12 16.79
C LEU B 221 -4.00 -8.69 17.02
N LEU B 222 -4.84 -8.78 15.98
CA LEU B 222 -6.21 -9.34 16.12
C LEU B 222 -6.09 -10.84 16.45
N ASN B 223 -5.09 -11.56 15.94
CA ASN B 223 -4.86 -12.98 16.31
C ASN B 223 -4.50 -13.07 17.80
N MET B 224 -3.62 -12.18 18.30
CA MET B 224 -3.08 -12.26 19.69
C MET B 224 -4.18 -11.86 20.68
N LYS B 225 -4.97 -10.85 20.37
CA LYS B 225 -6.16 -10.47 21.18
C LYS B 225 -7.11 -11.66 21.31
N SER B 226 -7.38 -12.40 20.22
CA SER B 226 -8.30 -13.56 20.16
C SER B 226 -7.83 -14.71 21.05
N LYS B 227 -6.51 -14.92 21.19
CA LYS B 227 -5.91 -16.00 22.02
C LYS B 227 -5.66 -15.52 23.46
N ASN B 228 -6.41 -14.52 23.95
CA ASN B 228 -6.27 -14.03 25.35
C ASN B 228 -5.03 -13.13 25.45
N VAL B 229 -3.85 -13.64 25.09
CA VAL B 229 -2.52 -12.96 25.28
C VAL B 229 -2.70 -11.44 25.46
N VAL B 230 -3.49 -10.77 24.63
CA VAL B 230 -3.58 -9.28 24.62
C VAL B 230 -4.22 -8.79 25.92
N PRO B 231 -3.62 -7.80 26.62
CA PRO B 231 -4.28 -7.10 27.72
C PRO B 231 -5.47 -6.24 27.25
N VAL B 232 -6.19 -5.67 28.21
CA VAL B 232 -7.29 -4.66 28.02
C VAL B 232 -6.61 -3.28 27.90
N TYR B 233 -6.72 -2.64 26.74
CA TYR B 233 -5.96 -1.41 26.38
C TYR B 233 -6.87 -0.44 25.64
N ASP B 234 -7.49 0.49 26.37
CA ASP B 234 -8.51 1.46 25.88
C ASP B 234 -8.25 1.88 24.44
N LEU B 235 -7.30 2.78 24.21
CA LEU B 235 -7.19 3.40 22.86
C LEU B 235 -6.83 2.30 21.86
N LEU B 236 -5.82 1.48 22.17
CA LEU B 236 -5.32 0.43 21.25
C LEU B 236 -6.49 -0.45 20.81
N LEU B 237 -7.27 -0.91 21.78
CA LEU B 237 -8.44 -1.79 21.55
C LEU B 237 -9.42 -1.06 20.65
N GLU B 238 -9.73 0.19 21.00
CA GLU B 238 -10.70 0.99 20.22
C GLU B 238 -10.19 1.04 18.78
N MET B 239 -8.89 1.26 18.63
CA MET B 239 -8.22 1.42 17.31
C MET B 239 -8.16 0.08 16.58
N LEU B 240 -7.89 -1.04 17.24
CA LEU B 240 -7.86 -2.37 16.56
C LEU B 240 -9.26 -2.69 16.05
N ASN B 241 -10.30 -2.55 16.88
CA ASN B 241 -11.71 -2.86 16.53
C ASN B 241 -12.15 -2.06 15.31
N ALA B 242 -11.49 -0.96 14.99
CA ALA B 242 -11.71 -0.29 13.69
C ALA B 242 -11.37 -1.22 12.50
N HIS B 243 -11.96 -0.89 11.36
N SER C 3 -1.72 -29.80 -8.72
CA SER C 3 -2.13 -28.56 -9.50
C SER C 3 -1.05 -27.46 -9.45
N HIS C 4 -0.37 -27.26 -10.59
CA HIS C 4 0.82 -26.40 -10.78
C HIS C 4 0.71 -25.67 -12.14
N LYS C 5 -0.48 -25.16 -12.50
CA LYS C 5 -0.76 -24.49 -13.80
C LYS C 5 0.07 -23.19 -13.91
N LEU C 6 0.35 -22.48 -12.82
CA LEU C 6 1.15 -21.22 -12.84
C LEU C 6 2.58 -21.50 -13.37
N VAL C 7 3.29 -22.44 -12.74
CA VAL C 7 4.68 -22.79 -13.12
C VAL C 7 4.68 -23.32 -14.55
N GLN C 8 3.65 -24.10 -14.91
CA GLN C 8 3.44 -24.71 -16.26
C GLN C 8 3.31 -23.58 -17.29
N LEU C 9 2.40 -22.62 -17.10
CA LEU C 9 2.20 -21.48 -18.03
C LEU C 9 3.46 -20.61 -18.10
N LEU C 10 4.22 -20.51 -17.01
CA LEU C 10 5.48 -19.70 -16.96
C LEU C 10 6.57 -20.42 -17.75
N THR C 11 6.47 -21.73 -17.99
CA THR C 11 7.57 -22.52 -18.59
C THR C 11 7.35 -22.79 -20.09
N THR C 12 6.25 -22.37 -20.72
CA THR C 12 6.02 -22.66 -22.16
C THR C 12 5.17 -21.57 -22.83
N HIS D 4 -14.92 6.06 21.21
CA HIS D 4 -15.25 7.14 22.17
C HIS D 4 -13.95 7.85 22.59
N LYS D 5 -12.92 7.09 22.99
CA LYS D 5 -11.59 7.56 23.44
C LYS D 5 -10.92 8.42 22.35
N LEU D 6 -10.97 7.97 21.10
CA LEU D 6 -10.40 8.69 19.94
C LEU D 6 -11.11 10.06 19.80
N VAL D 7 -12.43 10.07 19.83
CA VAL D 7 -13.25 11.31 19.66
C VAL D 7 -12.94 12.29 20.80
N GLN D 8 -12.82 11.78 22.03
CA GLN D 8 -12.50 12.55 23.28
C GLN D 8 -11.14 13.23 23.13
N LEU D 9 -10.12 12.46 22.75
CA LEU D 9 -8.75 13.01 22.60
C LEU D 9 -8.73 14.01 21.45
N LEU D 10 -9.57 13.78 20.43
CA LEU D 10 -9.63 14.67 19.23
C LEU D 10 -10.26 16.02 19.58
N THR D 11 -11.20 16.06 20.54
CA THR D 11 -12.11 17.23 20.75
C THR D 11 -12.05 17.75 22.19
N THR D 12 -11.70 16.91 23.18
CA THR D 12 -11.75 17.25 24.63
C THR D 12 -10.34 17.46 25.20
N THR D 13 -9.26 17.11 24.48
CA THR D 13 -7.87 17.03 25.05
C THR D 13 -7.02 18.17 24.49
C4 I1D E . -13.24 -11.11 -6.72
C14 I1D E . -12.09 -9.82 -12.33
C5 I1D E . -13.48 -10.48 -5.50
C6 I1D E . -14.21 -11.12 -4.51
C11 I1D E . -11.84 -8.18 -10.10
C7 I1D E . -14.74 -12.38 -4.76
C8 I1D E . -14.54 -13.01 -5.98
C9 I1D E . -13.81 -12.35 -6.96
C10 I1D E . -12.64 -9.32 -10.02
C12 I1D E . -11.17 -7.85 -11.28
C13 I1D E . -11.32 -8.66 -12.39
N1 I1D E . -14.31 -7.58 -7.47
C3 I1D E . -12.47 -10.44 -7.82
C1 I1D E . -13.89 -8.47 -8.05
C2 I1D E . -13.37 -9.67 -8.74
O1 I1D E . -15.47 -12.98 -3.75
CL1 I1D E . -13.54 -13.17 -8.49
O2 I1D E . -10.68 -8.34 -13.53
C15 I1D E . -12.75 -10.13 -11.15
C4 I1D F . 2.22 -4.72 16.76
C14 I1D F . 5.06 0.34 18.25
C5 I1D F . 2.25 -5.76 15.82
C6 I1D F . 1.77 -7.02 16.13
C11 I1D F . 5.15 -1.12 15.91
C7 I1D F . 1.24 -7.25 17.39
C8 I1D F . 1.21 -6.26 18.34
C9 I1D F . 1.71 -5.01 18.02
C10 I1D F . 4.70 -1.75 17.07
C12 I1D F . 5.54 0.21 15.91
C13 I1D F . 5.51 0.94 17.09
N1 I1D F . 5.73 -4.87 15.78
C3 I1D F . 2.80 -3.35 16.50
C1 I1D F . 5.09 -4.12 16.34
C2 I1D F . 4.21 -3.20 17.08
O1 I1D F . 0.75 -8.51 17.69
CL1 I1D F . 1.63 -3.75 19.22
O2 I1D F . 5.94 2.25 17.09
C15 I1D F . 4.67 -1.00 18.23
#